data_8SLN
#
_entry.id   8SLN
#
_cell.length_a   84.990
_cell.length_b   84.990
_cell.length_c   88.550
_cell.angle_alpha   90.00
_cell.angle_beta   90.00
_cell.angle_gamma   120.00
#
_symmetry.space_group_name_H-M   'P 31 2 1'
#
loop_
_entity.id
_entity.type
_entity.pdbx_description
1 polymer 'Zn dependent hydrolase fused to HTH domain, IrrE ortholog'
2 polymer 'DNA (29-MER)'
3 non-polymer 'MANGANESE (II) ION'
#
loop_
_entity_poly.entity_id
_entity_poly.type
_entity_poly.pdbx_seq_one_letter_code
_entity_poly.pdbx_strand_id
1 'polypeptide(L)'
;GHMTQGQTPPEELSADPSPETGALAPAKARMRELATAYARRLPGLDTHSLMSGLDATLTFMPMGDRDGAYDPEHRVVLIN
SRVRPERQRFTLAHEISHALLLGDDDLLSDLHDAYEGERLEQVIETLCNVGAAAILMPETLIDELLARFGPSGRALAELA
RRADVSASSALYALAERTSVPVLYAVCAVSRLEAESGEERLPEKALTVRASAGSPGVKYSLRPGTLIPDDHPVAVALETR
LPITQESYVPFRSGRRMPAYVDAFPERQRVLVSFALLPKATKGGEQDESGV
;
A
2 'polydeoxyribonucleotide'
;(DT)(DC)(DA)(DT)(DG)(DA)(DG)(DC)(DA)(DG)(DT)(DT)(DT)(DT)(DT)(DT)(DT)(DT)(DT)(DT)
(DT)(DT)(DT)(DT)(DT)(DT)(DT)(DT)(DT)
;
D
#
# COMPACT_ATOMS: atom_id res chain seq x y z
N LEU A 24 6.36 -18.92 4.96
CA LEU A 24 6.60 -17.50 4.67
C LEU A 24 5.59 -16.61 5.36
N ALA A 25 4.32 -16.97 5.25
CA ALA A 25 3.28 -16.31 6.05
C ALA A 25 3.64 -16.24 7.53
N PRO A 26 4.20 -17.27 8.18
CA PRO A 26 4.71 -17.08 9.55
C PRO A 26 5.65 -15.90 9.64
N ALA A 27 6.65 -15.85 8.75
CA ALA A 27 7.58 -14.73 8.75
C ALA A 27 6.86 -13.41 8.55
N LYS A 28 5.88 -13.38 7.64
CA LYS A 28 5.11 -12.15 7.43
C LYS A 28 4.39 -11.75 8.70
N ALA A 29 3.80 -12.71 9.40
CA ALA A 29 3.14 -12.41 10.66
C ALA A 29 4.12 -11.83 11.68
N ARG A 30 5.28 -12.48 11.85
CA ARG A 30 6.27 -12.00 12.80
C ARG A 30 6.77 -10.62 12.43
N MET A 31 6.90 -10.34 11.12
CA MET A 31 7.30 -8.99 10.73
C MET A 31 6.24 -7.97 11.09
N ARG A 32 4.97 -8.35 10.97
CA ARG A 32 3.91 -7.42 11.36
C ARG A 32 3.92 -7.17 12.86
N GLU A 33 4.25 -8.20 13.63
CA GLU A 33 4.36 -8.05 15.07
C GLU A 33 5.42 -7.01 15.45
N LEU A 34 6.65 -7.19 14.96
CA LEU A 34 7.72 -6.27 15.28
C LEU A 34 7.37 -4.85 14.88
N ALA A 35 6.86 -4.68 13.66
CA ALA A 35 6.58 -3.35 13.13
C ALA A 35 5.51 -2.64 13.96
N THR A 36 4.43 -3.35 14.28
CA THR A 36 3.36 -2.74 15.08
C THR A 36 3.85 -2.41 16.48
N ALA A 37 4.63 -3.29 17.10
CA ALA A 37 5.25 -2.97 18.38
C ALA A 37 6.11 -1.72 18.25
N TYR A 38 6.90 -1.65 17.18
CA TYR A 38 7.68 -0.45 16.90
C TYR A 38 6.79 0.78 16.80
N ALA A 39 5.69 0.68 16.05
CA ALA A 39 4.92 1.89 15.77
C ALA A 39 4.10 2.34 16.98
N ARG A 40 3.80 1.42 17.90
CA ARG A 40 3.13 1.83 19.13
C ARG A 40 4.03 2.75 19.93
N ARG A 41 5.33 2.47 19.94
CA ARG A 41 6.26 3.26 20.76
C ARG A 41 6.48 4.66 20.21
N LEU A 42 6.15 4.90 18.92
CA LEU A 42 6.39 6.17 18.26
C LEU A 42 5.44 7.24 18.78
N PRO A 43 5.90 8.49 18.86
CA PRO A 43 4.98 9.57 19.26
C PRO A 43 3.84 9.78 18.27
N GLY A 44 4.15 9.84 16.98
CA GLY A 44 3.14 9.88 15.93
C GLY A 44 3.71 9.25 14.67
N LEU A 45 2.92 9.28 13.60
CA LEU A 45 3.36 8.63 12.33
C LEU A 45 3.83 9.71 11.36
N ASP A 46 4.04 10.94 11.86
CA ASP A 46 4.60 12.01 11.01
C ASP A 46 5.97 11.56 10.52
N THR A 47 6.40 12.04 9.35
CA THR A 47 7.68 11.58 8.76
C THR A 47 8.82 11.73 9.76
N HIS A 48 8.76 12.73 10.65
CA HIS A 48 9.91 12.96 11.53
C HIS A 48 9.84 12.19 12.82
N SER A 49 8.70 11.60 13.16
CA SER A 49 8.63 10.80 14.38
C SER A 49 8.88 9.33 14.12
N LEU A 50 8.91 8.92 12.87
CA LEU A 50 9.10 7.51 12.52
C LEU A 50 10.45 6.98 12.95
N MET A 51 11.48 7.83 12.98
CA MET A 51 12.84 7.34 13.31
C MET A 51 13.09 7.46 14.83
N SER A 52 12.06 7.80 15.61
CA SER A 52 12.23 8.03 17.06
C SER A 52 12.66 6.74 17.79
N GLY A 53 12.16 5.58 17.36
CA GLY A 53 12.45 4.33 18.09
C GLY A 53 13.67 3.60 17.54
N LEU A 54 14.54 4.31 16.80
CA LEU A 54 15.70 3.65 16.17
C LEU A 54 16.99 4.40 16.47
N ASP A 55 18.01 3.70 16.96
CA ASP A 55 19.33 4.33 17.18
C ASP A 55 20.05 4.49 15.84
N ALA A 56 19.51 5.39 15.03
CA ALA A 56 20.12 5.69 13.74
C ALA A 56 19.74 7.11 13.35
N THR A 57 20.55 7.69 12.48
CA THR A 57 20.31 9.03 11.97
C THR A 57 19.72 8.96 10.56
N LEU A 58 18.95 9.98 10.21
CA LEU A 58 18.21 10.05 8.95
C LEU A 58 18.73 11.25 8.18
N THR A 59 19.07 11.03 6.90
CA THR A 59 19.61 12.09 6.06
C THR A 59 18.84 12.07 4.75
N PHE A 60 18.11 13.15 4.46
CA PHE A 60 17.48 13.35 3.15
C PHE A 60 18.49 14.01 2.23
N MET A 61 18.78 13.36 1.11
CA MET A 61 19.69 13.92 0.12
C MET A 61 19.31 13.39 -1.26
N PRO A 62 19.77 14.04 -2.32
CA PRO A 62 19.48 13.54 -3.68
C PRO A 62 20.21 12.23 -3.91
N MET A 63 19.45 11.17 -4.20
CA MET A 63 20.06 9.86 -4.44
C MET A 63 19.88 9.35 -5.86
N GLY A 64 19.49 10.20 -6.80
CA GLY A 64 19.32 9.74 -8.17
C GLY A 64 18.25 8.66 -8.26
N ASP A 65 18.65 7.48 -8.74
CA ASP A 65 17.71 6.39 -9.01
C ASP A 65 17.28 5.67 -7.75
N ARG A 66 18.21 5.53 -6.81
CA ARG A 66 17.95 4.82 -5.57
C ARG A 66 17.00 5.62 -4.71
N ASP A 67 16.11 4.92 -4.01
CA ASP A 67 15.14 5.59 -3.16
C ASP A 67 15.62 5.73 -1.71
N GLY A 68 16.47 4.82 -1.24
CA GLY A 68 16.83 4.73 0.17
C GLY A 68 18.04 3.86 0.38
N ALA A 69 18.57 3.92 1.61
CA ALA A 69 19.61 2.98 2.02
C ALA A 69 19.71 2.99 3.54
N TYR A 70 20.05 1.83 4.10
CA TYR A 70 20.30 1.70 5.54
C TYR A 70 21.69 1.11 5.74
N ASP A 71 22.55 1.84 6.44
CA ASP A 71 23.87 1.33 6.81
C ASP A 71 23.75 0.92 8.27
N PRO A 72 23.67 -0.37 8.59
CA PRO A 72 23.50 -0.76 9.99
C PRO A 72 24.77 -0.59 10.79
N GLU A 73 25.94 -0.58 10.14
CA GLU A 73 27.20 -0.53 10.86
C GLU A 73 27.52 0.89 11.32
N HIS A 74 27.26 1.87 10.46
CA HIS A 74 27.37 3.27 10.83
C HIS A 74 26.04 3.87 11.30
N ARG A 75 24.98 3.06 11.38
CA ARG A 75 23.66 3.49 11.89
C ARG A 75 23.15 4.74 11.15
N VAL A 76 23.00 4.60 9.84
CA VAL A 76 22.56 5.70 8.99
C VAL A 76 21.42 5.22 8.09
N VAL A 77 20.35 6.00 8.05
CA VAL A 77 19.28 5.85 7.06
C VAL A 77 19.39 7.03 6.11
N LEU A 78 19.46 6.73 4.81
CA LEU A 78 19.50 7.72 3.75
C LEU A 78 18.22 7.56 2.91
N ILE A 79 17.48 8.67 2.71
CA ILE A 79 16.25 8.72 1.91
C ILE A 79 16.44 9.75 0.80
N ASN A 80 15.94 9.42 -0.41
CA ASN A 80 16.10 10.30 -1.56
C ASN A 80 15.18 11.50 -1.43
N SER A 81 15.77 12.70 -1.47
CA SER A 81 15.04 13.95 -1.34
C SER A 81 14.32 14.34 -2.62
N ARG A 82 14.70 13.79 -3.78
CA ARG A 82 14.08 14.14 -5.05
C ARG A 82 12.77 13.42 -5.31
N VAL A 83 12.43 12.37 -4.56
CA VAL A 83 11.19 11.63 -4.81
C VAL A 83 10.06 12.20 -3.98
N ARG A 84 8.82 11.78 -4.29
CA ARG A 84 7.66 12.39 -3.66
C ARG A 84 7.51 11.94 -2.21
N PRO A 85 6.91 12.78 -1.37
CA PRO A 85 6.88 12.48 0.08
C PRO A 85 6.35 11.10 0.40
N GLU A 86 5.27 10.68 -0.27
CA GLU A 86 4.70 9.37 0.02
C GLU A 86 5.69 8.26 -0.23
N ARG A 87 6.44 8.35 -1.33
CA ARG A 87 7.49 7.36 -1.55
C ARG A 87 8.53 7.43 -0.45
N GLN A 88 9.03 8.65 -0.15
CA GLN A 88 10.03 8.81 0.91
C GLN A 88 9.56 8.09 2.17
N ARG A 89 8.29 8.33 2.55
CA ARG A 89 7.72 7.71 3.74
C ARG A 89 7.71 6.19 3.66
N PHE A 90 7.43 5.62 2.49
CA PHE A 90 7.41 4.15 2.44
C PHE A 90 8.83 3.61 2.48
N THR A 91 9.77 4.28 1.81
CA THR A 91 11.14 3.84 1.84
C THR A 91 11.67 3.87 3.27
N LEU A 92 11.33 4.92 4.02
CA LEU A 92 11.79 5.05 5.40
C LEU A 92 11.28 3.91 6.27
N ALA A 93 9.99 3.57 6.16
CA ALA A 93 9.46 2.47 6.96
C ALA A 93 10.01 1.13 6.47
N HIS A 94 10.25 1.02 5.16
CA HIS A 94 10.99 -0.13 4.63
C HIS A 94 12.33 -0.27 5.34
N GLU A 95 13.11 0.80 5.34
CA GLU A 95 14.44 0.75 5.95
C GLU A 95 14.36 0.47 7.43
N ILE A 96 13.36 1.06 8.12
CA ILE A 96 13.19 0.75 9.53
C ILE A 96 12.92 -0.73 9.73
N SER A 97 12.11 -1.33 8.86
CA SER A 97 11.86 -2.77 8.96
C SER A 97 13.13 -3.58 8.71
N HIS A 98 14.04 -3.08 7.88
CA HIS A 98 15.33 -3.75 7.78
C HIS A 98 16.01 -3.83 9.14
N ALA A 99 15.97 -2.74 9.91
CA ALA A 99 16.59 -2.71 11.23
C ALA A 99 15.89 -3.70 12.16
N LEU A 100 14.55 -3.69 12.17
CA LEU A 100 13.81 -4.60 13.02
C LEU A 100 14.20 -6.04 12.74
N LEU A 101 14.49 -6.34 11.47
CA LEU A 101 14.82 -7.72 11.10
C LEU A 101 16.21 -8.11 11.58
N LEU A 102 17.19 -7.23 11.38
CA LEU A 102 18.52 -7.51 11.87
C LEU A 102 18.59 -7.63 13.38
N GLY A 103 17.51 -7.28 14.08
CA GLY A 103 17.51 -7.30 15.53
C GLY A 103 16.86 -8.53 16.12
N ASP A 104 16.10 -9.25 15.31
CA ASP A 104 15.46 -10.50 15.73
C ASP A 104 16.26 -11.64 15.11
N ASP A 105 17.17 -12.23 15.89
CA ASP A 105 17.99 -13.32 15.37
C ASP A 105 17.16 -14.57 15.14
N ASP A 106 16.04 -14.69 15.86
CA ASP A 106 15.15 -15.86 15.68
C ASP A 106 14.54 -15.82 14.28
N LEU A 107 13.81 -14.74 13.96
CA LEU A 107 13.19 -14.59 12.62
C LEU A 107 14.30 -14.76 11.57
N LEU A 108 15.43 -14.09 11.79
CA LEU A 108 16.56 -14.17 10.83
C LEU A 108 16.98 -15.64 10.71
N SER A 109 17.08 -16.35 11.84
CA SER A 109 17.52 -17.74 11.80
C SER A 109 16.56 -18.58 10.96
N ASP A 110 15.26 -18.43 11.19
CA ASP A 110 14.28 -19.19 10.42
C ASP A 110 14.45 -18.94 8.93
N LEU A 111 14.63 -17.68 8.54
CA LEU A 111 14.78 -17.36 7.11
C LEU A 111 16.04 -18.01 6.54
N HIS A 112 17.11 -18.06 7.32
CA HIS A 112 18.33 -18.71 6.85
C HIS A 112 18.13 -20.21 6.64
N ASP A 113 17.33 -20.84 7.51
CA ASP A 113 17.04 -22.26 7.40
C ASP A 113 15.96 -22.57 6.38
N ALA A 114 15.38 -21.55 5.73
CA ALA A 114 14.27 -21.77 4.82
C ALA A 114 14.51 -21.25 3.41
N TYR A 115 15.43 -20.30 3.21
CA TYR A 115 15.69 -19.74 1.90
C TYR A 115 17.17 -19.47 1.75
N GLU A 116 17.58 -19.08 0.54
CA GLU A 116 19.00 -18.99 0.25
C GLU A 116 19.23 -18.08 -0.94
N GLY A 117 20.44 -17.53 -1.01
CA GLY A 117 20.89 -16.81 -2.19
C GLY A 117 19.92 -15.73 -2.60
N GLU A 118 19.52 -15.76 -3.87
CA GLU A 118 18.63 -14.73 -4.39
C GLU A 118 17.24 -14.83 -3.78
N ARG A 119 16.75 -16.06 -3.54
CA ARG A 119 15.42 -16.23 -2.96
C ARG A 119 15.35 -15.58 -1.58
N LEU A 120 16.37 -15.78 -0.76
CA LEU A 120 16.42 -15.13 0.55
C LEU A 120 16.34 -13.61 0.41
N GLU A 121 17.00 -13.06 -0.61
CA GLU A 121 16.98 -11.62 -0.82
C GLU A 121 15.58 -11.11 -1.08
N GLN A 122 14.84 -11.78 -1.97
CA GLN A 122 13.48 -11.32 -2.26
C GLN A 122 12.59 -11.45 -1.04
N VAL A 123 12.73 -12.54 -0.29
CA VAL A 123 11.92 -12.74 0.91
C VAL A 123 12.12 -11.58 1.88
N ILE A 124 13.38 -11.24 2.13
CA ILE A 124 13.69 -10.14 3.04
C ILE A 124 13.07 -8.83 2.54
N GLU A 125 13.22 -8.56 1.25
CA GLU A 125 12.65 -7.35 0.69
C GLU A 125 11.13 -7.33 0.80
N THR A 126 10.47 -8.45 0.55
CA THR A 126 9.02 -8.48 0.71
C THR A 126 8.62 -8.23 2.15
N LEU A 127 9.30 -8.90 3.10
CA LEU A 127 8.99 -8.71 4.51
C LEU A 127 9.15 -7.25 4.92
N CYS A 128 10.20 -6.58 4.45
CA CYS A 128 10.37 -5.17 4.78
C CYS A 128 9.28 -4.30 4.17
N ASN A 129 8.76 -4.67 3.00
CA ASN A 129 7.59 -3.98 2.46
C ASN A 129 6.37 -4.25 3.33
N VAL A 130 6.22 -5.49 3.79
CA VAL A 130 5.15 -5.81 4.73
C VAL A 130 5.28 -4.97 5.99
N GLY A 131 6.45 -5.04 6.65
CA GLY A 131 6.64 -4.26 7.87
C GLY A 131 6.39 -2.78 7.66
N ALA A 132 6.72 -2.28 6.47
CA ALA A 132 6.61 -0.84 6.23
C ALA A 132 5.16 -0.41 6.17
N ALA A 133 4.33 -1.18 5.45
CA ALA A 133 2.89 -0.91 5.45
C ALA A 133 2.31 -1.08 6.84
N ALA A 134 2.86 -2.01 7.63
CA ALA A 134 2.37 -2.19 8.98
C ALA A 134 2.69 -0.99 9.86
N ILE A 135 3.81 -0.31 9.59
CA ILE A 135 4.12 0.90 10.36
C ILE A 135 3.23 2.04 9.90
N LEU A 136 3.11 2.23 8.60
CA LEU A 136 2.44 3.40 8.06
C LEU A 136 0.92 3.31 8.17
N MET A 137 0.37 2.10 8.17
CA MET A 137 -1.08 1.91 8.11
C MET A 137 -1.53 0.92 9.17
N PRO A 138 -1.76 1.40 10.39
CA PRO A 138 -2.21 0.51 11.46
C PRO A 138 -3.61 -0.04 11.18
N GLU A 139 -3.81 -1.30 11.56
CA GLU A 139 -5.13 -1.92 11.44
C GLU A 139 -6.21 -1.03 12.02
N THR A 140 -5.86 -0.27 13.06
CA THR A 140 -6.80 0.63 13.71
C THR A 140 -7.32 1.67 12.74
N LEU A 141 -6.42 2.22 11.93
CA LEU A 141 -6.86 3.24 10.98
C LEU A 141 -7.70 2.61 9.87
N ILE A 142 -7.27 1.46 9.35
CA ILE A 142 -8.01 0.83 8.26
C ILE A 142 -9.41 0.46 8.70
N ASP A 143 -9.55 -0.09 9.90
CA ASP A 143 -10.87 -0.50 10.34
C ASP A 143 -11.73 0.71 10.67
N GLU A 144 -11.12 1.79 11.14
CA GLU A 144 -11.89 3.04 11.40
C GLU A 144 -12.53 3.49 10.08
N LEU A 145 -11.74 3.57 9.01
CA LEU A 145 -12.27 4.04 7.70
C LEU A 145 -13.28 3.00 7.16
N LEU A 146 -12.98 1.72 7.30
CA LEU A 146 -13.89 0.66 6.83
C LEU A 146 -15.27 0.86 7.47
N ALA A 147 -15.32 1.18 8.77
CA ALA A 147 -16.59 1.43 9.41
C ALA A 147 -17.18 2.78 9.05
N ARG A 148 -16.37 3.76 8.64
CA ARG A 148 -16.97 5.05 8.31
C ARG A 148 -17.43 5.11 6.87
N PHE A 149 -16.67 4.48 5.98
CA PHE A 149 -16.87 4.58 4.57
C PHE A 149 -17.14 3.26 3.85
N GLY A 150 -17.01 2.12 4.53
CA GLY A 150 -17.25 0.85 3.89
C GLY A 150 -16.08 0.43 3.03
N PRO A 151 -16.15 -0.75 2.42
CA PRO A 151 -15.04 -1.16 1.55
C PRO A 151 -15.07 -0.47 0.19
N SER A 152 -14.76 0.82 0.15
CA SER A 152 -15.15 1.69 -0.95
C SER A 152 -13.96 2.43 -1.55
N GLY A 153 -14.18 2.94 -2.76
CA GLY A 153 -13.26 3.91 -3.32
C GLY A 153 -13.00 5.06 -2.37
N ARG A 154 -14.03 5.50 -1.64
CA ARG A 154 -13.86 6.60 -0.72
C ARG A 154 -12.92 6.21 0.41
N ALA A 155 -13.14 5.03 1.01
CA ALA A 155 -12.21 4.51 2.02
C ALA A 155 -10.79 4.47 1.50
N LEU A 156 -10.60 4.05 0.26
CA LEU A 156 -9.25 4.01 -0.30
C LEU A 156 -8.64 5.39 -0.32
N ALA A 157 -9.35 6.35 -0.91
CA ALA A 157 -8.92 7.73 -0.92
C ALA A 157 -8.60 8.24 0.48
N GLU A 158 -9.47 7.96 1.46
CA GLU A 158 -9.24 8.48 2.79
C GLU A 158 -8.03 7.82 3.43
N LEU A 159 -7.79 6.54 3.12
CA LEU A 159 -6.65 5.86 3.70
C LEU A 159 -5.36 6.50 3.24
N ALA A 160 -5.23 6.74 1.94
CA ALA A 160 -4.02 7.35 1.39
C ALA A 160 -3.75 8.72 2.01
N ARG A 161 -4.79 9.53 2.18
CA ARG A 161 -4.60 10.85 2.77
C ARG A 161 -4.32 10.76 4.25
N ARG A 162 -5.10 9.97 4.99
CA ARG A 162 -4.90 9.92 6.44
C ARG A 162 -3.63 9.21 6.85
N ALA A 163 -3.10 8.29 6.05
CA ALA A 163 -1.85 7.63 6.38
C ALA A 163 -0.65 8.29 5.74
N ASP A 164 -0.88 9.22 4.80
CA ASP A 164 0.18 9.90 4.08
C ASP A 164 1.02 8.88 3.31
N VAL A 165 0.31 8.07 2.53
CA VAL A 165 0.89 7.05 1.67
C VAL A 165 0.36 7.25 0.25
N SER A 166 0.93 6.52 -0.69
CA SER A 166 0.46 6.54 -2.06
C SER A 166 -0.84 5.78 -2.18
N ALA A 167 -1.62 6.10 -3.21
CA ALA A 167 -2.88 5.34 -3.44
C ALA A 167 -2.56 3.85 -3.56
N SER A 168 -1.46 3.50 -4.23
CA SER A 168 -1.13 2.07 -4.46
C SER A 168 -0.94 1.32 -3.13
N SER A 169 -0.11 1.85 -2.24
CA SER A 169 0.17 1.15 -0.96
C SER A 169 -1.12 1.02 -0.16
N ALA A 170 -1.93 2.08 -0.15
CA ALA A 170 -3.22 2.05 0.59
C ALA A 170 -4.12 0.97 0.00
N LEU A 171 -4.13 0.84 -1.35
CA LEU A 171 -5.01 -0.14 -2.02
C LEU A 171 -4.65 -1.55 -1.53
N TYR A 172 -3.36 -1.89 -1.56
CA TYR A 172 -2.94 -3.26 -1.17
C TYR A 172 -3.30 -3.49 0.31
N ALA A 173 -3.12 -2.46 1.14
CA ALA A 173 -3.40 -2.59 2.59
C ALA A 173 -4.91 -2.70 2.80
N LEU A 174 -5.69 -1.81 2.16
CA LEU A 174 -7.14 -1.85 2.33
C LEU A 174 -7.72 -3.18 1.83
N ALA A 175 -7.24 -3.65 0.68
CA ALA A 175 -7.74 -4.89 0.11
C ALA A 175 -7.47 -6.08 1.04
N GLU A 176 -6.29 -6.12 1.66
CA GLU A 176 -5.95 -7.23 2.54
C GLU A 176 -6.90 -7.32 3.72
N ARG A 177 -7.39 -6.17 4.19
CA ARG A 177 -8.24 -6.10 5.36
C ARG A 177 -9.72 -6.12 4.98
N THR A 178 -10.05 -6.18 3.69
CA THR A 178 -11.43 -6.23 3.26
C THR A 178 -11.93 -7.67 3.28
N SER A 179 -12.96 -7.93 4.10
CA SER A 179 -13.47 -9.28 4.30
C SER A 179 -14.55 -9.68 3.30
N VAL A 180 -15.01 -8.78 2.42
CA VAL A 180 -15.98 -9.14 1.40
C VAL A 180 -15.34 -9.09 0.02
N PRO A 181 -15.97 -9.68 -1.05
CA PRO A 181 -15.35 -9.61 -2.38
C PRO A 181 -15.38 -8.22 -2.98
N VAL A 182 -14.18 -7.64 -3.13
CA VAL A 182 -14.07 -6.27 -3.73
C VAL A 182 -12.78 -6.20 -4.54
N LEU A 183 -12.84 -5.60 -5.73
CA LEU A 183 -11.61 -5.40 -6.54
C LEU A 183 -11.29 -3.90 -6.53
N TYR A 184 -10.40 -3.47 -5.64
CA TYR A 184 -10.04 -2.03 -5.53
C TYR A 184 -9.13 -1.67 -6.72
N ALA A 185 -9.22 -0.43 -7.20
CA ALA A 185 -8.35 -0.03 -8.28
C ALA A 185 -8.04 1.45 -8.17
N VAL A 186 -6.92 1.84 -8.76
CA VAL A 186 -6.55 3.23 -8.93
C VAL A 186 -6.47 3.48 -10.41
N CYS A 187 -7.19 4.51 -10.86
CA CYS A 187 -7.22 4.81 -12.27
C CYS A 187 -6.79 6.25 -12.53
N ALA A 188 -6.12 6.46 -13.67
CA ALA A 188 -5.64 7.79 -14.05
C ALA A 188 -5.42 7.80 -15.55
N VAL A 189 -5.53 8.99 -16.14
CA VAL A 189 -5.32 9.15 -17.58
C VAL A 189 -3.88 8.78 -17.94
N SER A 190 -3.73 7.97 -18.99
CA SER A 190 -2.41 7.54 -19.44
C SER A 190 -2.42 7.10 -20.90
N ALA A 205 -7.17 9.34 -21.36
CA ALA A 205 -7.29 7.87 -21.47
C ALA A 205 -7.24 7.24 -20.07
N LEU A 206 -8.37 7.26 -19.35
CA LEU A 206 -8.41 6.64 -18.00
C LEU A 206 -8.07 5.16 -18.12
N THR A 207 -7.05 4.71 -17.38
CA THR A 207 -6.67 3.27 -17.39
C THR A 207 -6.41 2.83 -15.95
N VAL A 208 -6.53 1.53 -15.69
CA VAL A 208 -6.22 1.00 -14.33
C VAL A 208 -4.71 1.08 -14.12
N ARG A 209 -4.25 1.99 -13.25
CA ARG A 209 -2.81 2.10 -12.96
C ARG A 209 -2.41 1.02 -11.95
N ALA A 210 -3.29 0.72 -10.98
CA ALA A 210 -2.99 -0.29 -9.94
C ALA A 210 -4.28 -0.90 -9.40
N SER A 211 -4.23 -2.14 -8.92
CA SER A 211 -5.45 -2.79 -8.46
C SER A 211 -5.08 -4.01 -7.65
N ALA A 212 -5.97 -4.37 -6.74
CA ALA A 212 -5.85 -5.62 -5.99
C ALA A 212 -7.25 -6.03 -5.54
N GLY A 213 -7.43 -7.33 -5.35
CA GLY A 213 -8.68 -7.85 -4.83
C GLY A 213 -8.54 -8.32 -3.40
N SER A 214 -9.62 -8.24 -2.64
CA SER A 214 -9.61 -8.68 -1.26
C SER A 214 -9.37 -10.18 -1.21
N PRO A 215 -9.00 -10.74 -0.04
CA PRO A 215 -8.57 -12.14 0.04
C PRO A 215 -9.26 -13.16 -0.85
N GLY A 216 -10.59 -13.10 -0.97
CA GLY A 216 -11.28 -14.16 -1.68
C GLY A 216 -11.22 -14.09 -3.20
N VAL A 217 -10.94 -12.93 -3.76
CA VAL A 217 -11.15 -12.70 -5.19
C VAL A 217 -10.07 -13.40 -6.01
N LYS A 218 -10.47 -13.98 -7.13
CA LYS A 218 -9.51 -14.55 -8.07
C LYS A 218 -9.27 -13.67 -9.30
N TYR A 219 -10.25 -12.85 -9.68
CA TYR A 219 -10.14 -12.01 -10.87
C TYR A 219 -9.03 -10.97 -10.70
N SER A 220 -8.52 -10.50 -11.84
CA SER A 220 -7.41 -9.54 -11.83
C SER A 220 -7.69 -8.46 -12.87
N LEU A 221 -7.57 -7.20 -12.45
CA LEU A 221 -7.81 -6.04 -13.32
C LEU A 221 -6.43 -5.51 -13.68
N ARG A 222 -5.87 -6.02 -14.77
CA ARG A 222 -4.47 -5.77 -15.06
C ARG A 222 -4.22 -4.28 -15.30
N PRO A 223 -3.08 -3.77 -14.82
CA PRO A 223 -2.73 -2.36 -15.09
C PRO A 223 -2.73 -2.07 -16.58
N GLY A 224 -3.32 -0.95 -16.93
CA GLY A 224 -3.55 -0.61 -18.31
C GLY A 224 -4.89 -1.05 -18.86
N THR A 225 -5.67 -1.81 -18.09
CA THR A 225 -7.03 -2.11 -18.53
C THR A 225 -7.78 -0.81 -18.71
N LEU A 226 -8.48 -0.69 -19.84
CA LEU A 226 -9.05 0.58 -20.24
C LEU A 226 -10.38 0.84 -19.55
N ILE A 227 -10.61 2.11 -19.21
CA ILE A 227 -11.83 2.56 -18.55
C ILE A 227 -12.74 3.15 -19.61
N PRO A 228 -13.87 2.52 -19.92
CA PRO A 228 -14.79 3.12 -20.91
C PRO A 228 -15.24 4.48 -20.41
N ASP A 229 -15.48 5.38 -21.36
CA ASP A 229 -15.79 6.76 -21.04
C ASP A 229 -17.20 6.95 -20.53
N ASP A 230 -18.08 5.97 -20.75
CA ASP A 230 -19.43 5.99 -20.21
C ASP A 230 -19.51 5.31 -18.85
N HIS A 231 -18.42 4.71 -18.41
CA HIS A 231 -18.36 4.01 -17.14
C HIS A 231 -18.26 5.02 -15.99
N PRO A 232 -18.96 4.79 -14.90
CA PRO A 232 -19.04 5.78 -13.82
C PRO A 232 -17.71 6.28 -13.30
N VAL A 233 -16.64 5.49 -13.42
CA VAL A 233 -15.33 5.92 -12.96
C VAL A 233 -14.85 7.12 -13.77
N ALA A 234 -15.01 7.05 -15.10
CA ALA A 234 -14.70 8.19 -15.95
C ALA A 234 -15.71 9.32 -15.75
N VAL A 235 -16.98 8.98 -15.48
CA VAL A 235 -17.96 10.01 -15.14
C VAL A 235 -17.52 10.75 -13.89
N ALA A 236 -17.10 10.00 -12.87
CA ALA A 236 -16.57 10.60 -11.66
C ALA A 236 -15.44 11.58 -11.97
N LEU A 237 -14.46 11.14 -12.75
CA LEU A 237 -13.32 12.01 -13.07
C LEU A 237 -13.78 13.26 -13.81
N GLU A 238 -14.70 13.10 -14.76
CA GLU A 238 -15.14 14.24 -15.54
C GLU A 238 -16.02 15.17 -14.71
N THR A 239 -17.03 14.62 -14.04
CA THR A 239 -17.88 15.43 -13.19
C THR A 239 -17.14 15.93 -11.95
N ARG A 240 -16.05 15.26 -11.56
CA ARG A 240 -15.34 15.58 -10.32
C ARG A 240 -16.24 15.37 -9.09
N LEU A 241 -17.27 14.53 -9.22
CA LEU A 241 -18.13 14.17 -8.10
C LEU A 241 -18.00 12.67 -7.87
N PRO A 242 -18.20 12.22 -6.64
CA PRO A 242 -18.12 10.79 -6.35
C PRO A 242 -19.44 10.12 -6.68
N ILE A 243 -19.35 8.86 -7.15
CA ILE A 243 -20.49 8.12 -7.68
C ILE A 243 -20.51 6.78 -6.96
N THR A 244 -21.67 6.42 -6.40
CA THR A 244 -21.95 5.06 -5.98
C THR A 244 -23.15 4.58 -6.79
N GLN A 245 -22.97 3.48 -7.51
CA GLN A 245 -24.06 2.93 -8.36
C GLN A 245 -23.67 1.55 -8.87
N GLU A 246 -24.66 0.76 -9.30
CA GLU A 246 -24.38 -0.57 -9.88
C GLU A 246 -23.79 -0.36 -11.27
N SER A 247 -22.68 -1.04 -11.58
CA SER A 247 -22.05 -0.93 -12.92
C SER A 247 -21.39 -2.26 -13.27
N TYR A 248 -20.16 -2.21 -13.77
CA TYR A 248 -19.48 -3.46 -14.21
C TYR A 248 -17.97 -3.29 -14.20
N VAL A 249 -17.25 -4.40 -14.09
CA VAL A 249 -15.79 -4.38 -14.17
C VAL A 249 -15.42 -4.50 -15.65
N PRO A 250 -14.72 -3.54 -16.22
CA PRO A 250 -14.40 -3.58 -17.66
C PRO A 250 -13.16 -4.41 -17.96
N PHE A 251 -13.22 -5.71 -17.65
CA PHE A 251 -12.09 -6.61 -17.95
C PHE A 251 -11.72 -6.50 -19.43
N ARG A 252 -10.44 -6.69 -19.76
CA ARG A 252 -9.97 -6.58 -21.17
C ARG A 252 -10.65 -7.64 -22.02
N SER A 253 -10.93 -8.82 -21.44
CA SER A 253 -11.56 -9.92 -22.21
C SER A 253 -12.88 -9.47 -22.82
N GLY A 254 -13.39 -8.30 -22.43
CA GLY A 254 -14.69 -7.87 -22.90
C GLY A 254 -15.83 -8.33 -22.02
N ARG A 255 -15.57 -9.26 -21.11
CA ARG A 255 -16.57 -9.66 -20.13
C ARG A 255 -16.86 -8.50 -19.19
N ARG A 256 -18.12 -8.10 -19.13
CA ARG A 256 -18.58 -7.04 -18.26
C ARG A 256 -19.21 -7.71 -17.05
N MET A 257 -18.40 -7.92 -16.02
CA MET A 257 -18.89 -8.63 -14.85
C MET A 257 -19.64 -7.67 -13.93
N PRO A 258 -20.86 -7.99 -13.54
CA PRO A 258 -21.66 -7.07 -12.72
C PRO A 258 -20.96 -6.77 -11.41
N ALA A 259 -21.02 -5.50 -11.01
CA ALA A 259 -20.42 -5.06 -9.76
C ALA A 259 -21.03 -3.73 -9.34
N TYR A 260 -20.94 -3.46 -8.04
CA TYR A 260 -21.42 -2.20 -7.47
C TYR A 260 -20.20 -1.31 -7.23
N VAL A 261 -20.18 -0.16 -7.90
CA VAL A 261 -18.99 0.68 -8.02
C VAL A 261 -19.09 1.81 -7.00
N ASP A 262 -17.98 2.07 -6.31
CA ASP A 262 -17.85 3.26 -5.49
C ASP A 262 -16.57 3.97 -5.91
N ALA A 263 -16.72 5.13 -6.52
CA ALA A 263 -15.63 5.84 -7.17
C ALA A 263 -15.55 7.23 -6.56
N PHE A 264 -14.35 7.58 -6.10
CA PHE A 264 -14.11 8.92 -5.49
C PHE A 264 -13.13 9.68 -6.38
N PRO A 265 -13.55 10.77 -7.04
CA PRO A 265 -12.68 11.48 -7.96
C PRO A 265 -11.68 12.39 -7.22
N GLU A 266 -10.39 12.28 -7.57
CA GLU A 266 -9.37 13.19 -6.99
C GLU A 266 -8.77 14.01 -8.12
N ARG A 267 -7.51 14.44 -7.96
CA ARG A 267 -6.84 15.23 -9.03
C ARG A 267 -6.37 14.28 -10.13
N GLN A 268 -7.11 14.21 -11.24
CA GLN A 268 -6.71 13.36 -12.38
C GLN A 268 -6.66 11.89 -11.97
N ARG A 269 -7.21 11.53 -10.82
CA ARG A 269 -7.26 10.12 -10.47
C ARG A 269 -8.55 9.81 -9.73
N VAL A 270 -8.97 8.54 -9.86
CA VAL A 270 -10.17 8.02 -9.23
C VAL A 270 -9.75 6.79 -8.46
N LEU A 271 -10.13 6.74 -7.19
CA LEU A 271 -9.91 5.50 -6.41
C LEU A 271 -11.25 4.78 -6.42
N VAL A 272 -11.31 3.55 -6.93
CA VAL A 272 -12.64 2.91 -7.10
C VAL A 272 -12.72 1.55 -6.39
N SER A 273 -13.92 1.18 -5.94
CA SER A 273 -14.12 -0.15 -5.32
C SER A 273 -15.18 -0.91 -6.13
N PHE A 274 -14.79 -2.01 -6.77
CA PHE A 274 -15.76 -2.82 -7.48
C PHE A 274 -16.17 -3.93 -6.51
N ALA A 275 -17.34 -3.76 -5.89
CA ALA A 275 -17.86 -4.80 -4.98
C ALA A 275 -18.50 -5.92 -5.80
N LEU A 276 -18.03 -7.16 -5.60
CA LEU A 276 -18.56 -8.32 -6.36
C LEU A 276 -19.56 -9.06 -5.47
N LEU A 277 -20.48 -9.83 -6.07
CA LEU A 277 -21.46 -10.63 -5.29
C LEU A 277 -20.85 -11.99 -4.98
#